data_1ZW9
#
_entry.id   1ZW9
#
_cell.length_a   73.760
_cell.length_b   73.760
_cell.length_c   110.130
_cell.angle_alpha   90.00
_cell.angle_beta   90.00
_cell.angle_gamma   90.00
#
_symmetry.space_group_name_H-M   'P 43 2 2'
#
loop_
_entity.id
_entity.type
_entity.pdbx_description
1 polymer HSP82
2 non-polymer 8-(6-BROMO-BENZO[1,3]DIOXOL-5-YLSULFANYL)-9-(3-ISOPROPYLAMINO-PROPYL)-ADENINE
3 water water
#
_entity_poly.entity_id   1
_entity_poly.type   'polypeptide(L)'
_entity_poly.pdbx_seq_one_letter_code
;MGSSHHHHHHSSGLVPRGSHMASETFEFQAEITQLMSLIINTVYSNKEIFLRELISNASDALDKIRYKSLSDPKQLETEP
DLFIRITPKPEQKVLEIRDSGIGMTKAELINNLGTIAKSGTKAFMEALSAGADVSMIGQFGVGFYSLFLVADRVQVISKS
NDDEQYIWESNAGGSFTVTLDEVNERIGRGTILRLFLKDDQLEYLEEKRIKEVIKRHSEFVAYPIQLVVTKEVEKEVPIP
;
_entity_poly.pdbx_strand_id   A
#
# COMPACT_ATOMS: atom_id res chain seq x y z
N ALA A 22 -17.84 -2.04 -15.70
CA ALA A 22 -17.41 -3.42 -16.08
C ALA A 22 -16.11 -3.80 -15.39
N SER A 23 -16.21 -4.56 -14.31
CA SER A 23 -15.03 -5.00 -13.58
C SER A 23 -14.68 -6.43 -13.95
N GLU A 24 -13.39 -6.76 -13.88
CA GLU A 24 -12.91 -8.11 -14.19
C GLU A 24 -12.48 -8.79 -12.90
N THR A 25 -12.80 -10.08 -12.78
CA THR A 25 -12.44 -10.83 -11.58
C THR A 25 -11.35 -11.85 -11.87
N PHE A 26 -10.43 -12.02 -10.92
CA PHE A 26 -9.32 -12.95 -11.05
C PHE A 26 -9.15 -13.76 -9.77
N GLU A 27 -8.50 -14.91 -9.88
CA GLU A 27 -8.26 -15.76 -8.72
C GLU A 27 -6.83 -15.57 -8.25
N PHE A 28 -6.63 -15.52 -6.93
CA PHE A 28 -5.30 -15.37 -6.36
C PHE A 28 -4.55 -16.70 -6.44
N GLN A 29 -3.22 -16.61 -6.50
CA GLN A 29 -2.37 -17.78 -6.52
C GLN A 29 -2.68 -18.40 -5.15
N ALA A 30 -2.74 -19.73 -5.08
CA ALA A 30 -3.07 -20.44 -3.84
C ALA A 30 -2.32 -19.98 -2.58
N GLU A 31 -1.00 -19.86 -2.67
CA GLU A 31 -0.22 -19.44 -1.51
C GLU A 31 -0.55 -18.04 -1.02
N ILE A 32 -0.97 -17.16 -1.92
N ILE A 32 -0.96 -17.15 -1.93
CA ILE A 32 -1.32 -15.80 -1.55
CA ILE A 32 -1.30 -15.78 -1.56
C ILE A 32 -2.58 -15.78 -0.72
C ILE A 32 -2.58 -15.76 -0.72
N THR A 33 -3.58 -16.54 -1.14
CA THR A 33 -4.84 -16.63 -0.42
C THR A 33 -4.55 -17.14 0.99
N GLN A 34 -3.62 -18.08 1.10
N GLN A 34 -3.61 -18.08 1.08
CA GLN A 34 -3.26 -18.64 2.39
CA GLN A 34 -3.22 -18.66 2.36
C GLN A 34 -2.63 -17.56 3.26
C GLN A 34 -2.61 -17.58 3.25
N LEU A 35 -1.68 -16.83 2.70
CA LEU A 35 -1.01 -15.76 3.42
C LEU A 35 -1.99 -14.70 3.93
N MET A 36 -2.91 -14.28 3.08
CA MET A 36 -3.87 -13.25 3.49
C MET A 36 -4.75 -13.71 4.65
N SER A 37 -5.23 -14.94 4.58
CA SER A 37 -6.08 -15.47 5.65
C SER A 37 -5.30 -15.45 6.95
N LEU A 38 -4.06 -15.92 6.88
CA LEU A 38 -3.18 -15.95 8.03
C LEU A 38 -2.98 -14.57 8.66
N ILE A 39 -2.68 -13.58 7.82
N ILE A 39 -2.69 -13.57 7.83
CA ILE A 39 -2.45 -12.21 8.28
CA ILE A 39 -2.45 -12.21 8.30
C ILE A 39 -3.70 -11.50 8.81
C ILE A 39 -3.70 -11.49 8.82
N ILE A 40 -4.81 -11.62 8.09
CA ILE A 40 -6.03 -10.95 8.52
C ILE A 40 -6.60 -11.52 9.81
N ASN A 41 -6.19 -12.73 10.17
CA ASN A 41 -6.70 -13.38 11.37
C ASN A 41 -5.71 -13.41 12.54
N THR A 42 -4.43 -13.19 12.26
CA THR A 42 -3.41 -13.22 13.31
C THR A 42 -3.71 -12.24 14.43
N VAL A 43 -3.35 -12.62 15.65
CA VAL A 43 -3.54 -11.77 16.82
C VAL A 43 -2.25 -11.06 17.19
N TYR A 44 -1.31 -11.05 16.24
CA TYR A 44 -0.02 -10.38 16.40
C TYR A 44 -0.27 -9.01 17.04
N SER A 45 0.56 -8.64 18.01
CA SER A 45 0.38 -7.37 18.72
C SER A 45 0.99 -6.09 18.16
N ASN A 46 2.04 -6.18 17.36
CA ASN A 46 2.67 -4.98 16.81
C ASN A 46 2.22 -4.70 15.37
N LYS A 47 0.91 -4.55 15.20
CA LYS A 47 0.30 -4.31 13.88
C LYS A 47 0.77 -3.04 13.16
N GLU A 48 1.24 -2.05 13.91
CA GLU A 48 1.69 -0.79 13.31
C GLU A 48 2.78 -0.95 12.24
N ILE A 49 3.43 -2.11 12.21
N ILE A 49 3.43 -2.11 12.19
CA ILE A 49 4.49 -2.35 11.23
CA ILE A 49 4.50 -2.33 11.22
C ILE A 49 4.00 -2.28 9.79
C ILE A 49 4.00 -2.26 9.78
N PHE A 50 2.69 -2.34 9.59
CA PHE A 50 2.12 -2.27 8.25
C PHE A 50 2.47 -0.95 7.58
N LEU A 51 2.48 0.13 8.35
CA LEU A 51 2.78 1.44 7.79
C LEU A 51 4.21 1.51 7.30
N ARG A 52 5.12 0.88 8.04
CA ARG A 52 6.52 0.85 7.66
C ARG A 52 6.68 0.16 6.31
N GLU A 53 5.99 -0.97 6.15
CA GLU A 53 6.05 -1.74 4.90
C GLU A 53 5.48 -1.02 3.68
N LEU A 54 4.34 -0.35 3.86
CA LEU A 54 3.75 0.36 2.72
C LEU A 54 4.56 1.60 2.33
N ILE A 55 5.10 2.29 3.33
CA ILE A 55 5.92 3.46 3.05
C ILE A 55 7.17 3.00 2.31
N SER A 56 7.68 1.85 2.72
CA SER A 56 8.88 1.28 2.10
C SER A 56 8.59 0.98 0.63
N ASN A 57 7.43 0.39 0.35
CA ASN A 57 7.03 0.07 -1.02
C ASN A 57 6.84 1.35 -1.82
N ALA A 58 6.31 2.37 -1.16
CA ALA A 58 6.09 3.66 -1.81
C ALA A 58 7.45 4.22 -2.18
N SER A 59 8.38 4.18 -1.23
CA SER A 59 9.73 4.69 -1.46
C SER A 59 10.38 3.95 -2.62
N ASP A 60 10.17 2.64 -2.67
N ASP A 60 10.19 2.63 -2.69
CA ASP A 60 10.72 1.80 -3.72
CA ASP A 60 10.78 1.84 -3.77
C ASP A 60 10.19 2.23 -5.09
C ASP A 60 10.20 2.24 -5.13
N ALA A 61 8.90 2.52 -5.17
CA ALA A 61 8.26 2.92 -6.43
C ALA A 61 8.75 4.30 -6.87
N LEU A 62 9.09 5.14 -5.89
CA LEU A 62 9.60 6.48 -6.18
C LEU A 62 11.04 6.34 -6.71
N ASP A 63 11.79 5.39 -6.14
CA ASP A 63 13.17 5.15 -6.57
C ASP A 63 13.13 4.75 -8.04
N LYS A 64 12.21 3.84 -8.35
CA LYS A 64 12.04 3.32 -9.71
C LYS A 64 11.80 4.40 -10.75
N ILE A 65 10.80 5.26 -10.53
CA ILE A 65 10.51 6.30 -11.50
C ILE A 65 11.67 7.31 -11.57
N ARG A 66 12.33 7.54 -10.44
CA ARG A 66 13.45 8.47 -10.44
C ARG A 66 14.62 7.89 -11.23
N TYR A 67 14.91 6.61 -11.02
CA TYR A 67 16.01 5.96 -11.73
C TYR A 67 15.67 5.87 -13.20
N LYS A 68 14.41 5.57 -13.52
N LYS A 68 14.41 5.59 -13.51
CA LYS A 68 13.99 5.49 -14.91
CA LYS A 68 13.98 5.48 -14.90
C LYS A 68 14.10 6.85 -15.61
C LYS A 68 14.08 6.83 -15.60
N SER A 69 13.80 7.90 -14.86
N SER A 69 13.81 7.90 -14.86
CA SER A 69 13.86 9.25 -15.42
CA SER A 69 13.85 9.25 -15.41
C SER A 69 15.27 9.70 -15.77
C SER A 69 15.26 9.69 -15.76
N LEU A 70 16.26 8.95 -15.30
CA LEU A 70 17.67 9.29 -15.59
C LEU A 70 17.93 9.30 -17.10
N SER A 71 17.28 8.39 -17.83
CA SER A 71 17.48 8.31 -19.27
C SER A 71 16.20 8.65 -20.05
N ASP A 72 15.17 9.07 -19.34
CA ASP A 72 13.88 9.42 -19.94
C ASP A 72 13.21 10.42 -19.00
N PRO A 73 13.71 11.65 -18.96
CA PRO A 73 13.19 12.73 -18.10
C PRO A 73 11.70 13.02 -18.24
N LYS A 74 11.18 12.86 -19.45
CA LYS A 74 9.76 13.12 -19.67
C LYS A 74 8.84 12.30 -18.76
N GLN A 75 9.35 11.17 -18.29
CA GLN A 75 8.59 10.29 -17.40
C GLN A 75 8.09 11.01 -16.16
N LEU A 76 8.85 12.01 -15.72
CA LEU A 76 8.50 12.76 -14.52
C LEU A 76 7.43 13.83 -14.73
N GLU A 77 7.26 14.26 -15.98
CA GLU A 77 6.30 15.31 -16.28
C GLU A 77 4.85 15.08 -15.87
N THR A 78 4.43 13.82 -15.82
CA THR A 78 3.05 13.52 -15.42
C THR A 78 2.77 13.92 -13.98
N GLU A 79 3.84 14.03 -13.19
CA GLU A 79 3.76 14.43 -11.80
C GLU A 79 5.17 14.72 -11.31
N PRO A 80 5.63 15.98 -11.49
CA PRO A 80 6.96 16.46 -11.10
C PRO A 80 7.39 16.20 -9.66
N ASP A 81 6.45 16.35 -8.72
CA ASP A 81 6.76 16.16 -7.31
C ASP A 81 6.81 14.70 -6.86
N LEU A 82 7.90 14.34 -6.19
CA LEU A 82 8.09 13.00 -5.68
C LEU A 82 7.78 13.02 -4.19
N PHE A 83 6.70 12.36 -3.79
CA PHE A 83 6.30 12.36 -2.40
C PHE A 83 5.54 11.12 -1.98
N ILE A 84 5.38 10.99 -0.68
CA ILE A 84 4.61 9.91 -0.08
C ILE A 84 3.61 10.73 0.74
N ARG A 85 2.32 10.42 0.59
CA ARG A 85 1.30 11.17 1.30
C ARG A 85 0.34 10.23 2.02
N ILE A 86 0.06 10.55 3.27
N ILE A 86 0.07 10.57 3.27
CA ILE A 86 -0.85 9.73 4.07
CA ILE A 86 -0.83 9.79 4.11
C ILE A 86 -2.07 10.58 4.39
C ILE A 86 -2.08 10.62 4.38
N THR A 87 -3.24 10.07 4.01
CA THR A 87 -4.50 10.77 4.22
C THR A 87 -5.56 9.95 4.96
N PRO A 88 -5.79 10.30 6.22
CA PRO A 88 -6.82 9.55 6.96
C PRO A 88 -8.19 10.13 6.57
N LYS A 89 -9.16 9.25 6.38
CA LYS A 89 -10.54 9.66 6.04
C LYS A 89 -11.44 9.00 7.08
N PRO A 90 -11.47 9.55 8.31
N PRO A 90 -11.48 9.56 8.29
CA PRO A 90 -12.26 9.05 9.43
CA PRO A 90 -12.27 9.08 9.43
C PRO A 90 -13.71 8.67 9.13
C PRO A 90 -13.71 8.68 9.12
N GLU A 91 -14.46 9.57 8.49
CA GLU A 91 -15.86 9.30 8.14
C GLU A 91 -16.03 7.93 7.50
N GLN A 92 -15.09 7.57 6.63
CA GLN A 92 -15.13 6.30 5.93
C GLN A 92 -14.31 5.20 6.57
N LYS A 93 -13.63 5.53 7.66
CA LYS A 93 -12.77 4.56 8.34
C LYS A 93 -11.74 4.06 7.33
N VAL A 94 -11.18 5.01 6.58
CA VAL A 94 -10.18 4.70 5.55
C VAL A 94 -8.89 5.45 5.77
N LEU A 95 -7.79 4.81 5.41
CA LEU A 95 -6.48 5.44 5.52
C LEU A 95 -5.84 5.24 4.15
N GLU A 96 -5.42 6.33 3.53
CA GLU A 96 -4.79 6.23 2.22
C GLU A 96 -3.30 6.50 2.28
N ILE A 97 -2.53 5.68 1.56
CA ILE A 97 -1.09 5.86 1.48
C ILE A 97 -0.79 6.03 0.00
N ARG A 98 -0.46 7.26 -0.37
N ARG A 98 -0.46 7.27 -0.37
CA ARG A 98 -0.16 7.61 -1.76
CA ARG A 98 -0.17 7.60 -1.76
C ARG A 98 1.31 7.91 -2.03
C ARG A 98 1.30 7.90 -2.02
N ASP A 99 1.74 7.62 -3.24
CA ASP A 99 3.11 7.89 -3.65
C ASP A 99 3.01 8.34 -5.11
N SER A 100 3.97 9.12 -5.56
CA SER A 100 3.98 9.55 -6.96
C SER A 100 5.09 8.75 -7.64
N GLY A 101 5.12 7.46 -7.34
CA GLY A 101 6.11 6.56 -7.89
C GLY A 101 5.80 6.13 -9.30
N ILE A 102 6.42 5.04 -9.73
CA ILE A 102 6.25 4.53 -11.08
C ILE A 102 4.85 4.03 -11.43
N GLY A 103 4.07 3.64 -10.42
CA GLY A 103 2.73 3.16 -10.67
C GLY A 103 2.68 1.76 -11.26
N MET A 104 1.46 1.26 -11.53
CA MET A 104 1.29 -0.08 -12.09
C MET A 104 0.20 -0.07 -13.17
N THR A 105 0.49 -0.72 -14.29
CA THR A 105 -0.48 -0.82 -15.38
C THR A 105 -1.49 -1.89 -15.01
N LYS A 106 -2.51 -2.06 -15.84
CA LYS A 106 -3.52 -3.07 -15.58
C LYS A 106 -2.86 -4.45 -15.53
N ALA A 107 -1.95 -4.70 -16.46
CA ALA A 107 -1.24 -5.99 -16.51
C ALA A 107 -0.41 -6.23 -15.27
N GLU A 108 0.25 -5.19 -14.78
CA GLU A 108 1.07 -5.32 -13.58
C GLU A 108 0.19 -5.58 -12.36
N LEU A 109 -0.95 -4.90 -12.27
CA LEU A 109 -1.85 -5.10 -11.14
C LEU A 109 -2.31 -6.56 -11.12
N ILE A 110 -2.65 -7.10 -12.29
N ILE A 110 -2.64 -7.09 -12.30
CA ILE A 110 -3.11 -8.49 -12.38
CA ILE A 110 -3.09 -8.47 -12.44
C ILE A 110 -1.99 -9.47 -12.05
C ILE A 110 -2.00 -9.45 -12.04
N ASN A 111 -0.86 -9.36 -12.74
CA ASN A 111 0.26 -10.25 -12.49
C ASN A 111 1.30 -9.60 -11.60
N SER A 119 6.69 -17.86 -4.00
CA SER A 119 7.21 -16.59 -4.48
C SER A 119 8.21 -16.09 -3.44
N GLY A 120 7.65 -15.72 -2.30
CA GLY A 120 8.41 -15.28 -1.14
C GLY A 120 7.44 -15.68 -0.06
N THR A 121 6.21 -15.85 -0.53
CA THR A 121 5.07 -16.22 0.27
C THR A 121 5.22 -17.52 1.06
N LYS A 122 5.53 -18.61 0.36
CA LYS A 122 5.66 -19.90 1.03
C LYS A 122 6.78 -19.90 2.07
N ALA A 123 7.93 -19.35 1.71
CA ALA A 123 9.06 -19.29 2.62
C ALA A 123 8.75 -18.45 3.86
N PHE A 124 7.98 -17.39 3.69
CA PHE A 124 7.62 -16.54 4.82
C PHE A 124 6.66 -17.26 5.76
N MET A 125 5.68 -17.94 5.20
CA MET A 125 4.73 -18.67 6.02
C MET A 125 5.43 -19.76 6.83
N GLU A 126 6.41 -20.41 6.20
CA GLU A 126 7.17 -21.45 6.87
C GLU A 126 7.98 -20.82 8.00
N ALA A 127 8.54 -19.64 7.75
CA ALA A 127 9.31 -18.94 8.76
C ALA A 127 8.39 -18.61 9.94
N LEU A 128 7.17 -18.19 9.62
CA LEU A 128 6.18 -17.84 10.65
C LEU A 128 5.89 -19.06 11.52
N SER A 129 5.69 -20.20 10.88
CA SER A 129 5.40 -21.43 11.60
C SER A 129 6.50 -21.75 12.58
N ALA A 130 7.74 -21.48 12.17
CA ALA A 130 8.91 -21.75 13.01
C ALA A 130 9.10 -20.72 14.12
N GLY A 131 8.34 -19.63 14.07
CA GLY A 131 8.45 -18.63 15.12
C GLY A 131 8.91 -17.25 14.70
N ALA A 132 9.21 -17.08 13.42
CA ALA A 132 9.65 -15.77 12.93
C ALA A 132 8.62 -14.71 13.29
N ASP A 133 9.10 -13.49 13.52
CA ASP A 133 8.20 -12.40 13.86
C ASP A 133 7.55 -11.90 12.57
N VAL A 134 6.25 -11.61 12.63
CA VAL A 134 5.53 -11.13 11.46
C VAL A 134 6.24 -9.94 10.82
N SER A 135 7.02 -9.19 11.62
CA SER A 135 7.72 -8.02 11.09
C SER A 135 8.77 -8.34 10.02
N MET A 136 9.11 -9.61 9.86
CA MET A 136 10.10 -10.00 8.84
C MET A 136 9.47 -10.09 7.44
N ILE A 137 8.16 -9.94 7.37
CA ILE A 137 7.44 -10.04 6.12
C ILE A 137 8.08 -9.26 4.95
N GLY A 138 8.58 -8.06 5.23
CA GLY A 138 9.21 -7.27 4.19
C GLY A 138 10.49 -7.88 3.63
N GLN A 139 11.25 -8.59 4.46
CA GLN A 139 12.49 -9.22 4.03
C GLN A 139 12.21 -10.38 3.08
N PHE A 140 10.96 -10.85 3.07
CA PHE A 140 10.55 -11.94 2.20
C PHE A 140 9.88 -11.43 0.92
N GLY A 141 9.88 -10.11 0.75
CA GLY A 141 9.30 -9.52 -0.44
C GLY A 141 7.78 -9.48 -0.52
N VAL A 142 7.10 -9.71 0.59
CA VAL A 142 5.64 -9.69 0.56
C VAL A 142 5.01 -8.76 1.61
N GLY A 143 5.75 -7.73 2.00
CA GLY A 143 5.26 -6.78 3.00
C GLY A 143 3.94 -6.10 2.69
N PHE A 144 3.60 -6.02 1.41
CA PHE A 144 2.34 -5.41 0.99
C PHE A 144 1.18 -6.02 1.77
N TYR A 145 1.22 -7.34 1.91
CA TYR A 145 0.12 -8.04 2.58
C TYR A 145 -0.02 -7.77 4.08
N SER A 146 0.95 -7.08 4.67
CA SER A 146 0.86 -6.76 6.10
C SER A 146 -0.27 -5.75 6.33
N LEU A 147 -0.81 -5.19 5.25
CA LEU A 147 -1.89 -4.23 5.40
C LEU A 147 -3.12 -4.93 5.99
N PHE A 148 -3.19 -6.25 5.84
CA PHE A 148 -4.33 -6.98 6.37
C PHE A 148 -4.28 -7.12 7.89
N LEU A 149 -3.24 -6.59 8.51
CA LEU A 149 -3.14 -6.61 9.96
C LEU A 149 -4.12 -5.58 10.50
N VAL A 150 -4.27 -4.47 9.77
CA VAL A 150 -5.15 -3.39 10.21
C VAL A 150 -6.38 -3.12 9.36
N ALA A 151 -6.49 -3.76 8.20
CA ALA A 151 -7.63 -3.54 7.31
C ALA A 151 -8.20 -4.87 6.83
N ASP A 152 -9.48 -4.87 6.46
CA ASP A 152 -10.11 -6.08 5.97
C ASP A 152 -10.47 -5.95 4.49
N ARG A 153 -10.12 -4.81 3.91
CA ARG A 153 -10.40 -4.58 2.50
C ARG A 153 -9.44 -3.51 2.02
N VAL A 154 -9.04 -3.59 0.76
CA VAL A 154 -8.12 -2.61 0.21
C VAL A 154 -8.33 -2.38 -1.27
N GLN A 155 -8.16 -1.13 -1.69
CA GLN A 155 -8.26 -0.80 -3.09
C GLN A 155 -6.91 -0.19 -3.42
N VAL A 156 -6.28 -0.70 -4.47
CA VAL A 156 -5.00 -0.15 -4.92
C VAL A 156 -5.39 0.59 -6.19
N ILE A 157 -5.28 1.91 -6.16
CA ILE A 157 -5.62 2.73 -7.32
C ILE A 157 -4.28 3.14 -7.87
N SER A 158 -4.03 2.82 -9.14
CA SER A 158 -2.73 3.14 -9.70
C SER A 158 -2.77 3.69 -11.10
N LYS A 159 -1.85 4.59 -11.38
CA LYS A 159 -1.73 5.20 -12.69
C LYS A 159 -0.27 5.17 -13.10
N SER A 160 0.04 4.33 -14.08
CA SER A 160 1.38 4.24 -14.61
C SER A 160 1.37 5.11 -15.85
N ASN A 161 2.52 5.69 -16.21
CA ASN A 161 2.59 6.52 -17.40
C ASN A 161 2.17 5.70 -18.62
N ASP A 162 2.36 4.38 -18.53
CA ASP A 162 2.04 3.47 -19.63
C ASP A 162 0.63 2.94 -19.77
N ASP A 163 -0.29 3.34 -18.89
CA ASP A 163 -1.65 2.83 -19.02
C ASP A 163 -2.61 3.81 -18.35
N GLU A 164 -3.89 3.48 -18.42
CA GLU A 164 -4.93 4.30 -17.80
C GLU A 164 -4.92 4.02 -16.30
N GLN A 165 -5.72 4.77 -15.55
CA GLN A 165 -5.81 4.57 -14.11
C GLN A 165 -6.73 3.36 -13.86
N TYR A 166 -6.30 2.45 -12.99
CA TYR A 166 -7.09 1.27 -12.66
C TYR A 166 -7.26 1.05 -11.17
N ILE A 167 -8.28 0.26 -10.82
CA ILE A 167 -8.55 -0.07 -9.42
C ILE A 167 -8.48 -1.58 -9.21
N TRP A 168 -7.61 -1.98 -8.29
CA TRP A 168 -7.44 -3.39 -7.94
C TRP A 168 -8.07 -3.47 -6.55
N GLU A 169 -8.93 -4.44 -6.31
CA GLU A 169 -9.58 -4.53 -5.02
C GLU A 169 -9.60 -5.95 -4.47
N SER A 170 -9.35 -6.06 -3.16
CA SER A 170 -9.32 -7.34 -2.47
C SER A 170 -9.86 -7.23 -1.05
N ASN A 171 -10.50 -8.31 -0.60
CA ASN A 171 -11.04 -8.39 0.75
C ASN A 171 -10.42 -9.60 1.45
N ALA A 172 -9.18 -9.91 1.08
CA ALA A 172 -8.43 -11.04 1.64
C ALA A 172 -8.99 -12.39 1.21
N GLY A 173 -10.01 -12.36 0.35
CA GLY A 173 -10.60 -13.58 -0.15
C GLY A 173 -9.74 -14.16 -1.25
N GLY A 174 -10.21 -15.24 -1.87
CA GLY A 174 -9.44 -15.88 -2.93
C GLY A 174 -9.47 -15.23 -4.30
N SER A 175 -10.23 -14.14 -4.45
CA SER A 175 -10.29 -13.47 -5.74
C SER A 175 -10.23 -11.94 -5.59
N PHE A 176 -9.76 -11.27 -6.63
CA PHE A 176 -9.66 -9.83 -6.63
C PHE A 176 -10.21 -9.31 -7.95
N THR A 177 -10.59 -8.03 -7.97
CA THR A 177 -11.11 -7.44 -9.18
C THR A 177 -10.22 -6.29 -9.65
N VAL A 178 -10.26 -6.03 -10.94
CA VAL A 178 -9.51 -4.94 -11.54
C VAL A 178 -10.53 -4.22 -12.41
N THR A 179 -10.67 -2.92 -12.18
CA THR A 179 -11.65 -2.09 -12.88
C THR A 179 -11.04 -0.80 -13.38
N LEU A 180 -11.39 -0.40 -14.62
CA LEU A 180 -10.91 0.85 -15.17
C LEU A 180 -11.48 1.91 -14.23
N ASP A 181 -10.65 2.85 -13.79
CA ASP A 181 -11.06 3.87 -12.84
C ASP A 181 -11.79 5.09 -13.40
N GLU A 182 -13.08 5.20 -13.08
CA GLU A 182 -13.87 6.33 -13.53
C GLU A 182 -14.62 6.89 -12.31
N VAL A 183 -14.07 6.64 -11.12
CA VAL A 183 -14.71 7.11 -9.89
C VAL A 183 -13.81 7.82 -8.89
N ASN A 184 -12.49 7.67 -9.02
CA ASN A 184 -11.57 8.31 -8.09
C ASN A 184 -10.87 9.53 -8.67
N GLU A 185 -10.28 10.33 -7.79
CA GLU A 185 -9.56 11.51 -8.22
C GLU A 185 -8.44 11.06 -9.15
N ARG A 186 -8.14 11.89 -10.14
CA ARG A 186 -7.08 11.56 -11.08
C ARG A 186 -5.73 11.64 -10.39
N ILE A 187 -4.94 10.60 -10.57
CA ILE A 187 -3.59 10.55 -10.03
C ILE A 187 -2.75 10.94 -11.24
N GLY A 188 -1.83 11.87 -11.08
CA GLY A 188 -0.99 12.25 -12.20
C GLY A 188 -0.18 11.03 -12.58
N ARG A 189 0.44 10.43 -11.56
CA ARG A 189 1.24 9.22 -11.72
C ARG A 189 1.44 8.67 -10.31
N GLY A 190 1.37 7.36 -10.17
CA GLY A 190 1.60 6.79 -8.85
C GLY A 190 0.54 5.82 -8.40
N THR A 191 0.52 5.58 -7.09
CA THR A 191 -0.41 4.61 -6.52
C THR A 191 -1.00 5.08 -5.20
N ILE A 192 -2.25 4.69 -4.99
CA ILE A 192 -2.92 5.00 -3.74
C ILE A 192 -3.33 3.67 -3.14
N LEU A 193 -2.91 3.40 -1.92
CA LEU A 193 -3.34 2.20 -1.24
C LEU A 193 -4.43 2.75 -0.33
N ARG A 194 -5.67 2.36 -0.60
CA ARG A 194 -6.82 2.80 0.19
C ARG A 194 -7.22 1.67 1.11
N LEU A 195 -6.88 1.81 2.38
CA LEU A 195 -7.16 0.79 3.38
C LEU A 195 -8.46 1.06 4.11
N PHE A 196 -9.30 0.04 4.17
CA PHE A 196 -10.57 0.13 4.89
C PHE A 196 -10.23 -0.55 6.21
N LEU A 197 -9.90 0.27 7.20
CA LEU A 197 -9.50 -0.21 8.52
C LEU A 197 -10.55 -1.02 9.26
N LYS A 198 -10.08 -1.97 10.06
CA LYS A 198 -10.95 -2.82 10.88
C LYS A 198 -11.43 -1.90 12.00
N ASP A 199 -12.61 -2.18 12.56
CA ASP A 199 -13.17 -1.35 13.62
C ASP A 199 -12.32 -1.14 14.87
N ASP A 200 -11.38 -2.06 15.13
CA ASP A 200 -10.52 -1.94 16.31
C ASP A 200 -9.17 -1.32 15.98
N GLN A 201 -8.99 -0.88 14.74
CA GLN A 201 -7.71 -0.30 14.34
C GLN A 201 -7.88 1.14 13.87
N LEU A 202 -8.92 1.80 14.37
CA LEU A 202 -9.20 3.17 13.98
C LEU A 202 -8.24 4.19 14.52
N GLU A 203 -7.31 3.74 15.36
CA GLU A 203 -6.32 4.64 15.95
C GLU A 203 -5.38 5.16 14.87
N TYR A 204 -5.31 4.44 13.75
CA TYR A 204 -4.43 4.85 12.66
C TYR A 204 -5.01 5.96 11.80
N LEU A 205 -6.12 6.55 12.26
CA LEU A 205 -6.76 7.65 11.58
C LEU A 205 -6.37 8.92 12.34
N GLU A 206 -5.75 8.72 13.49
CA GLU A 206 -5.33 9.81 14.36
C GLU A 206 -3.95 10.36 14.03
N GLU A 207 -3.87 11.67 13.84
CA GLU A 207 -2.62 12.34 13.51
C GLU A 207 -1.48 12.05 14.49
N LYS A 208 -1.79 12.04 15.78
CA LYS A 208 -0.78 11.79 16.80
C LYS A 208 -0.18 10.38 16.62
N ARG A 209 -1.06 9.40 16.52
CA ARG A 209 -0.67 8.01 16.35
C ARG A 209 0.13 7.81 15.07
N ILE A 210 -0.37 8.34 13.97
CA ILE A 210 0.30 8.22 12.68
C ILE A 210 1.73 8.75 12.70
N LYS A 211 1.91 9.94 13.27
N LYS A 211 1.93 9.95 13.27
CA LYS A 211 3.24 10.54 13.33
CA LYS A 211 3.24 10.56 13.35
C LYS A 211 4.26 9.69 14.09
C LYS A 211 4.27 9.72 14.09
N GLU A 212 3.89 9.21 15.27
CA GLU A 212 4.81 8.41 16.06
C GLU A 212 5.21 7.11 15.35
N VAL A 213 4.28 6.48 14.64
CA VAL A 213 4.58 5.26 13.92
C VAL A 213 5.57 5.54 12.79
N ILE A 214 5.37 6.67 12.10
CA ILE A 214 6.25 7.07 11.01
C ILE A 214 7.64 7.39 11.52
N LYS A 215 7.71 8.26 12.52
CA LYS A 215 8.98 8.65 13.11
C LYS A 215 9.76 7.45 13.64
N ARG A 216 9.04 6.45 14.11
CA ARG A 216 9.66 5.27 14.68
C ARG A 216 10.28 4.26 13.71
N HIS A 217 9.64 4.02 12.57
CA HIS A 217 10.15 3.03 11.63
C HIS A 217 10.58 3.50 10.25
N SER A 218 10.51 4.79 9.99
CA SER A 218 10.91 5.30 8.68
C SER A 218 11.74 6.57 8.77
N GLU A 219 12.84 6.51 9.52
CA GLU A 219 13.73 7.67 9.70
C GLU A 219 14.58 7.98 8.47
N PHE A 220 14.89 6.96 7.68
CA PHE A 220 15.72 7.15 6.51
C PHE A 220 15.01 6.98 5.17
N VAL A 221 13.96 7.76 4.95
CA VAL A 221 13.24 7.70 3.68
C VAL A 221 13.66 9.00 2.97
N ALA A 222 14.11 8.89 1.73
CA ALA A 222 14.59 10.04 0.96
C ALA A 222 13.51 10.99 0.47
N TYR A 223 12.25 10.61 0.62
CA TYR A 223 11.16 11.44 0.13
C TYR A 223 10.35 12.06 1.24
N PRO A 224 9.83 13.26 1.00
CA PRO A 224 9.03 13.86 2.07
C PRO A 224 7.80 13.01 2.29
N ILE A 225 7.43 12.84 3.56
CA ILE A 225 6.24 12.08 3.91
C ILE A 225 5.26 13.13 4.41
N GLN A 226 4.18 13.32 3.66
CA GLN A 226 3.19 14.32 4.00
C GLN A 226 1.97 13.73 4.67
N LEU A 227 1.51 14.37 5.74
CA LEU A 227 0.33 13.92 6.45
C LEU A 227 -0.72 14.97 6.18
N VAL A 228 -1.87 14.52 5.70
CA VAL A 228 -2.98 15.40 5.40
C VAL A 228 -3.93 15.37 6.57
N VAL A 229 -4.02 16.49 7.28
CA VAL A 229 -4.87 16.59 8.45
C VAL A 229 -6.02 17.57 8.22
N THR A 230 -7.22 17.19 8.64
CA THR A 230 -8.38 18.03 8.49
C THR A 230 -8.75 18.61 9.86
N LYS A 231 -8.67 19.94 9.98
CA LYS A 231 -8.98 20.60 11.24
C LYS A 231 -10.07 21.66 11.11
N GLU A 232 -11.05 21.59 12.00
CA GLU A 232 -12.14 22.55 11.99
C GLU A 232 -11.55 23.92 12.38
N VAL A 233 -11.90 24.98 11.66
CA VAL A 233 -11.41 26.32 11.95
C VAL A 233 -11.99 26.87 13.26
N GLU A 234 -11.10 27.39 14.11
CA GLU A 234 -11.40 27.90 15.44
C GLU A 234 -12.63 28.72 15.56
#